data_5D5K
#
_entry.id   5D5K
#
_cell.length_a   78.640
_cell.length_b   89.980
_cell.length_c   100.500
_cell.angle_alpha   90.00
_cell.angle_beta   90.00
_cell.angle_gamma   90.00
#
_symmetry.space_group_name_H-M   'P 21 21 21'
#
loop_
_entity.id
_entity.type
_entity.pdbx_description
1 polymer 'Importin subunit alpha-1'
2 polymer 'Poly [ADP-ribose] polymerase 2'
3 water water
#
loop_
_entity_poly.entity_id
_entity_poly.type
_entity_poly.pdbx_seq_one_letter_code
_entity_poly.pdbx_strand_id
1 'polypeptide(L)'
;MADIGSNQGTVNWSVEDIVKGINSNNLESQLQATQAARKLLSREKQPPIDNIIRAGLIPKFVSFLGKTDCSPIQFESAWA
LTNIASGTSEQTKAVVDGGAIPAFISLLASPHAHISEQAVWALGNIAGDGSAFRDLVIKHGAIDPLLALLAVPDLSTLAC
GYLRNLTWTLSNLCRNKNPAPPLDAVEQILPTLVRLLHHNDPEVLADSCWAISYLTDGPNERIEMVVKKGVVPQLVKLLG
ATELPIVTPALRAIGNIVTGTDEQTQKVIDAGALAVFPSLLTNPKTNIQKEATWTMSNITAGRQDQIQQVVNHGLVPFLV
GVLSKADFKTQKEAAWAITNYTSGGTVEQIVYLVHCGIIEPLMNLLSAKDTKIIQVILDAISNIFQAAEKLGETEKLSIM
IEECGGLDKIEALQRHENESVYKASLNLIEKYFSVEEEEDQNVVPETTSEGFAFQVQDGAPGTFNF
;
C
2 'polypeptide(L)'
;MGSSHHHHHHSSGLVPRGSHMAARRRRSTGGGRARALNESKRVNNGNTAPEDSSPAKKTRRCQRQESKKMPVAGGKANKD
RTEDKQDESVKALLLKGK
;
B
#
# COMPACT_ATOMS: atom_id res chain seq x y z
N THR A 10 25.06 -29.56 14.37
CA THR A 10 24.92 -28.11 14.58
C THR A 10 23.53 -27.73 15.16
N VAL A 11 22.80 -28.70 15.70
CA VAL A 11 21.48 -28.42 16.25
C VAL A 11 21.57 -27.99 17.73
N ASN A 12 20.90 -26.88 18.04
CA ASN A 12 20.74 -26.39 19.40
C ASN A 12 22.06 -26.20 20.17
N TRP A 13 23.00 -25.48 19.58
CA TRP A 13 24.20 -25.12 20.33
C TRP A 13 23.86 -23.98 21.23
N SER A 14 24.57 -23.84 22.33
CA SER A 14 24.50 -22.62 23.12
C SER A 14 25.29 -21.52 22.41
N VAL A 15 24.97 -20.27 22.75
CA VAL A 15 25.72 -19.15 22.21
C VAL A 15 27.19 -19.22 22.60
N GLU A 16 27.45 -19.66 23.82
CA GLU A 16 28.81 -19.88 24.32
C GLU A 16 29.61 -20.82 23.39
N ASP A 17 29.01 -21.94 23.03
CA ASP A 17 29.65 -22.88 22.11
C ASP A 17 29.85 -22.27 20.73
N ILE A 18 28.86 -21.50 20.27
CA ILE A 18 29.01 -20.79 19.00
C ILE A 18 30.20 -19.85 19.02
N VAL A 19 30.30 -19.06 20.08
CA VAL A 19 31.40 -18.11 20.22
C VAL A 19 32.75 -18.84 20.24
N LYS A 20 32.80 -19.96 20.96
CA LYS A 20 34.03 -20.74 21.06
C LYS A 20 34.49 -21.21 19.67
N GLY A 21 33.55 -21.67 18.83
CA GLY A 21 33.91 -22.15 17.52
C GLY A 21 34.34 -21.03 16.59
N ILE A 22 33.65 -19.89 16.72
CA ILE A 22 33.90 -18.75 15.82
C ILE A 22 35.24 -18.09 16.11
N ASN A 23 35.65 -18.10 17.38
CA ASN A 23 36.95 -17.61 17.80
C ASN A 23 38.10 -18.60 17.65
N SER A 24 37.83 -19.83 17.20
CA SER A 24 38.91 -20.81 17.07
C SER A 24 39.72 -20.32 15.89
N ASN A 25 40.94 -20.77 15.72
CA ASN A 25 41.62 -20.29 14.51
C ASN A 25 41.45 -21.25 13.33
N ASN A 26 40.23 -21.79 13.17
CA ASN A 26 40.04 -22.99 12.34
C ASN A 26 38.81 -22.76 11.52
N LEU A 27 39.01 -22.59 10.21
CA LEU A 27 37.91 -22.18 9.31
C LEU A 27 36.76 -23.18 9.31
N GLU A 28 37.09 -24.47 9.37
CA GLU A 28 36.04 -25.48 9.41
C GLU A 28 35.27 -25.41 10.75
N SER A 29 35.97 -25.21 11.89
CA SER A 29 35.27 -24.99 13.16
C SER A 29 34.40 -23.72 13.10
N GLN A 30 34.90 -22.68 12.46
CA GLN A 30 34.14 -21.45 12.30
C GLN A 30 32.88 -21.69 11.46
N LEU A 31 33.02 -22.48 10.41
CA LEU A 31 31.89 -22.80 9.54
C LEU A 31 30.79 -23.56 10.31
N GLN A 32 31.20 -24.58 11.06
CA GLN A 32 30.24 -25.36 11.84
C GLN A 32 29.54 -24.50 12.89
N ALA A 33 30.31 -23.63 13.54
CA ALA A 33 29.73 -22.71 14.53
C ALA A 33 28.79 -21.69 13.89
N THR A 34 29.12 -21.23 12.69
CA THR A 34 28.28 -20.25 11.99
C THR A 34 26.97 -20.91 11.55
N GLN A 35 27.07 -22.14 11.07
CA GLN A 35 25.87 -22.90 10.74
C GLN A 35 25.00 -23.13 11.98
N ALA A 36 25.62 -23.46 13.11
CA ALA A 36 24.90 -23.56 14.38
C ALA A 36 24.16 -22.25 14.71
N ALA A 37 24.81 -21.11 14.51
CA ALA A 37 24.17 -19.81 14.73
C ALA A 37 22.99 -19.59 13.79
N ARG A 38 23.17 -19.95 12.52
CA ARG A 38 22.09 -19.87 11.53
C ARG A 38 20.87 -20.68 11.96
N LYS A 39 21.11 -21.90 12.45
CA LYS A 39 20.02 -22.74 12.91
C LYS A 39 19.32 -22.15 14.14
N LEU A 40 20.08 -21.67 15.13
CA LEU A 40 19.46 -21.00 16.29
C LEU A 40 18.58 -19.83 15.83
N LEU A 41 19.12 -19.06 14.90
CA LEU A 41 18.45 -17.85 14.44
C LEU A 41 17.25 -18.12 13.51
N SER A 42 17.12 -19.38 13.08
CA SER A 42 16.04 -19.76 12.17
C SER A 42 14.92 -20.51 12.89
N ARG A 43 14.97 -20.56 14.21
CA ARG A 43 13.94 -21.28 15.01
C ARG A 43 12.70 -20.40 15.26
N GLU A 44 11.56 -21.05 15.38
CA GLU A 44 10.28 -20.34 15.35
C GLU A 44 10.04 -19.46 16.59
N LYS A 45 10.31 -20.00 17.77
CA LYS A 45 10.04 -19.25 19.00
C LYS A 45 11.28 -18.54 19.51
N GLN A 46 11.23 -17.22 19.49
CA GLN A 46 12.20 -16.39 20.20
C GLN A 46 13.65 -16.71 19.88
N PRO A 47 14.04 -16.57 18.61
CA PRO A 47 15.48 -16.72 18.31
C PRO A 47 16.28 -15.73 19.18
N PRO A 48 17.42 -16.16 19.72
CA PRO A 48 18.14 -15.29 20.65
C PRO A 48 19.01 -14.26 19.92
N ILE A 49 18.37 -13.35 19.19
CA ILE A 49 19.10 -12.33 18.43
C ILE A 49 19.97 -11.45 19.34
N ASP A 50 19.39 -10.95 20.42
CA ASP A 50 20.11 -10.04 21.30
C ASP A 50 21.33 -10.74 21.91
N ASN A 51 21.21 -12.02 22.26
CA ASN A 51 22.33 -12.74 22.88
C ASN A 51 23.47 -12.88 21.87
N ILE A 52 23.12 -13.12 20.60
CA ILE A 52 24.09 -13.22 19.50
C ILE A 52 24.77 -11.87 19.26
N ILE A 53 24.00 -10.79 19.27
CA ILE A 53 24.58 -9.45 19.13
C ILE A 53 25.52 -9.14 20.29
N ARG A 54 25.04 -9.35 21.52
CA ARG A 54 25.81 -9.03 22.71
C ARG A 54 27.12 -9.83 22.76
N ALA A 55 27.14 -11.00 22.13
CA ALA A 55 28.33 -11.86 22.15
C ALA A 55 29.38 -11.35 21.15
N GLY A 56 29.05 -10.30 20.42
CA GLY A 56 30.00 -9.68 19.51
C GLY A 56 30.16 -10.39 18.17
N LEU A 57 29.19 -11.21 17.80
CA LEU A 57 29.35 -12.05 16.61
C LEU A 57 29.14 -11.33 15.26
N ILE A 58 28.49 -10.18 15.24
CA ILE A 58 28.16 -9.57 13.96
C ILE A 58 29.37 -9.25 13.08
N PRO A 59 30.41 -8.61 13.65
CA PRO A 59 31.63 -8.35 12.88
C PRO A 59 32.30 -9.59 12.29
N LYS A 60 32.27 -10.68 13.04
CA LYS A 60 32.81 -11.96 12.53
C LYS A 60 31.99 -12.44 11.34
N PHE A 61 30.67 -12.50 11.52
CA PHE A 61 29.78 -12.84 10.39
C PHE A 61 30.03 -11.95 9.16
N VAL A 62 30.17 -10.64 9.37
CA VAL A 62 30.42 -9.76 8.26
C VAL A 62 31.77 -10.09 7.60
N SER A 63 32.78 -10.44 8.39
CA SER A 63 34.06 -10.78 7.77
C SER A 63 33.96 -12.08 6.99
N PHE A 64 33.12 -13.00 7.44
CA PHE A 64 32.93 -14.26 6.70
C PHE A 64 32.24 -14.05 5.33
N LEU A 65 31.44 -12.99 5.19
CA LEU A 65 30.82 -12.68 3.88
C LEU A 65 31.88 -12.48 2.80
N GLY A 66 33.08 -12.08 3.19
CA GLY A 66 34.14 -11.82 2.24
C GLY A 66 35.03 -13.02 1.95
N LYS A 67 34.73 -14.17 2.55
CA LYS A 67 35.52 -15.39 2.30
C LYS A 67 35.18 -16.11 1.00
N THR A 68 35.62 -15.52 -0.10
CA THR A 68 35.36 -16.04 -1.44
C THR A 68 35.83 -17.48 -1.60
N ASP A 69 36.91 -17.83 -0.89
CA ASP A 69 37.45 -19.19 -0.90
C ASP A 69 36.60 -20.21 -0.16
N CYS A 70 35.59 -19.77 0.60
CA CYS A 70 34.76 -20.69 1.37
C CYS A 70 33.27 -20.32 1.22
N SER A 71 32.69 -20.65 0.08
CA SER A 71 31.30 -20.23 -0.18
C SER A 71 30.31 -20.73 0.89
N PRO A 72 30.52 -21.94 1.47
CA PRO A 72 29.58 -22.31 2.53
C PRO A 72 29.51 -21.33 3.73
N ILE A 73 30.63 -20.79 4.18
CA ILE A 73 30.60 -19.88 5.32
C ILE A 73 30.04 -18.53 4.87
N GLN A 74 30.22 -18.19 3.61
CA GLN A 74 29.52 -16.98 3.08
C GLN A 74 28.02 -17.15 3.16
N PHE A 75 27.53 -18.34 2.80
CA PHE A 75 26.08 -18.59 2.81
C PHE A 75 25.53 -18.61 4.23
N GLU A 76 26.19 -19.35 5.12
CA GLU A 76 25.72 -19.46 6.52
C GLU A 76 25.72 -18.10 7.21
N SER A 77 26.77 -17.32 7.00
CA SER A 77 26.82 -16.01 7.59
C SER A 77 25.79 -15.06 6.98
N ALA A 78 25.56 -15.16 5.67
CA ALA A 78 24.56 -14.30 5.01
C ALA A 78 23.18 -14.61 5.60
N TRP A 79 22.89 -15.89 5.79
CA TRP A 79 21.61 -16.31 6.39
C TRP A 79 21.49 -15.86 7.85
N ALA A 80 22.52 -16.10 8.66
CA ALA A 80 22.50 -15.58 10.04
C ALA A 80 22.23 -14.06 10.09
N LEU A 81 22.95 -13.29 9.30
CA LEU A 81 22.84 -11.83 9.33
C LEU A 81 21.47 -11.38 8.79
N THR A 82 20.96 -12.09 7.78
CA THR A 82 19.60 -11.82 7.30
C THR A 82 18.61 -11.89 8.46
N ASN A 83 18.76 -12.91 9.29
CA ASN A 83 17.78 -13.15 10.32
C ASN A 83 17.92 -12.16 11.49
N ILE A 84 19.14 -11.74 11.77
CA ILE A 84 19.32 -10.63 12.74
C ILE A 84 18.68 -9.36 12.17
N ALA A 85 18.93 -9.09 10.89
CA ALA A 85 18.41 -7.87 10.23
C ALA A 85 16.88 -7.85 10.11
N SER A 86 16.28 -9.02 10.25
CA SER A 86 14.84 -9.18 10.17
C SER A 86 14.13 -8.77 11.45
N GLY A 87 14.87 -8.41 12.48
CA GLY A 87 14.27 -8.08 13.76
C GLY A 87 13.89 -6.61 13.92
N THR A 88 14.07 -6.11 15.13
CA THR A 88 13.74 -4.72 15.46
C THR A 88 14.68 -3.75 14.75
N SER A 89 14.34 -2.46 14.76
CA SER A 89 15.23 -1.46 14.19
C SER A 89 16.64 -1.50 14.80
N GLU A 90 16.71 -1.70 16.11
CA GLU A 90 18.02 -1.77 16.80
C GLU A 90 18.83 -2.99 16.32
N GLN A 91 18.15 -4.10 16.06
CA GLN A 91 18.83 -5.29 15.54
C GLN A 91 19.33 -5.11 14.11
N THR A 92 18.51 -4.49 13.26
CA THR A 92 18.95 -4.19 11.90
C THR A 92 20.13 -3.20 11.92
N LYS A 93 20.05 -2.21 12.80
CA LYS A 93 21.14 -1.24 12.96
C LYS A 93 22.45 -1.95 13.30
N ALA A 94 22.38 -2.97 14.17
CA ALA A 94 23.58 -3.68 14.59
C ALA A 94 24.24 -4.28 13.35
N VAL A 95 23.42 -4.80 12.44
CA VAL A 95 23.95 -5.37 11.23
C VAL A 95 24.59 -4.34 10.31
N VAL A 96 23.89 -3.23 10.10
CA VAL A 96 24.45 -2.13 9.32
C VAL A 96 25.75 -1.59 9.94
N ASP A 97 25.74 -1.40 11.27
CA ASP A 97 26.90 -0.88 11.99
C ASP A 97 28.13 -1.80 11.86
N GLY A 98 27.91 -3.07 11.57
CA GLY A 98 28.98 -4.02 11.37
C GLY A 98 29.60 -4.01 9.98
N GLY A 99 29.08 -3.13 9.11
CA GLY A 99 29.62 -2.99 7.77
C GLY A 99 28.97 -3.93 6.76
N ALA A 100 27.81 -4.46 7.10
CA ALA A 100 27.16 -5.49 6.25
C ALA A 100 26.73 -4.97 4.88
N ILE A 101 26.39 -3.68 4.77
CA ILE A 101 25.79 -3.24 3.50
C ILE A 101 26.73 -3.47 2.31
N PRO A 102 27.96 -2.95 2.35
CA PRO A 102 28.79 -3.15 1.15
C PRO A 102 29.20 -4.61 0.94
N ALA A 103 29.31 -5.34 2.03
CA ALA A 103 29.66 -6.75 1.95
C ALA A 103 28.52 -7.54 1.24
N PHE A 104 27.28 -7.22 1.55
CA PHE A 104 26.15 -7.86 0.87
C PHE A 104 26.06 -7.45 -0.59
N ILE A 105 26.32 -6.17 -0.90
CA ILE A 105 26.29 -5.72 -2.28
C ILE A 105 27.33 -6.45 -3.09
N SER A 106 28.49 -6.69 -2.49
CA SER A 106 29.55 -7.44 -3.18
C SER A 106 29.11 -8.88 -3.49
N LEU A 107 28.32 -9.47 -2.61
CA LEU A 107 27.88 -10.84 -2.80
C LEU A 107 26.80 -11.00 -3.86
N LEU A 108 26.19 -9.88 -4.27
CA LEU A 108 25.21 -9.93 -5.36
C LEU A 108 25.84 -10.48 -6.63
N ALA A 109 27.16 -10.32 -6.77
CA ALA A 109 27.90 -10.83 -7.94
C ALA A 109 28.37 -12.27 -7.76
N SER A 110 27.99 -12.92 -6.68
CA SER A 110 28.49 -14.28 -6.45
C SER A 110 28.05 -15.21 -7.58
N PRO A 111 28.93 -16.13 -8.00
CA PRO A 111 28.45 -17.08 -9.00
C PRO A 111 27.55 -18.16 -8.41
N HIS A 112 27.35 -18.17 -7.09
CA HIS A 112 26.46 -19.12 -6.44
C HIS A 112 25.12 -18.47 -6.21
N ALA A 113 24.12 -18.96 -6.92
CA ALA A 113 22.81 -18.33 -6.91
C ALA A 113 22.23 -18.31 -5.50
N HIS A 114 22.50 -19.34 -4.69
CA HIS A 114 21.92 -19.34 -3.33
C HIS A 114 22.52 -18.24 -2.43
N ILE A 115 23.75 -17.84 -2.71
CA ILE A 115 24.43 -16.81 -1.95
C ILE A 115 23.99 -15.42 -2.44
N SER A 116 23.96 -15.24 -3.76
CA SER A 116 23.39 -14.02 -4.36
C SER A 116 21.99 -13.77 -3.81
N GLU A 117 21.15 -14.80 -3.80
CA GLU A 117 19.77 -14.68 -3.31
C GLU A 117 19.75 -14.29 -1.84
N GLN A 118 20.63 -14.87 -1.05
CA GLN A 118 20.65 -14.53 0.38
C GLN A 118 21.06 -13.07 0.59
N ALA A 119 21.96 -12.56 -0.24
CA ALA A 119 22.39 -11.16 -0.15
C ALA A 119 21.22 -10.23 -0.56
N VAL A 120 20.47 -10.64 -1.59
CA VAL A 120 19.27 -9.88 -2.00
C VAL A 120 18.28 -9.78 -0.81
N TRP A 121 18.06 -10.91 -0.16
CA TRP A 121 17.16 -10.99 1.00
C TRP A 121 17.63 -10.09 2.15
N ALA A 122 18.90 -10.19 2.50
CA ALA A 122 19.45 -9.37 3.58
C ALA A 122 19.27 -7.87 3.29
N LEU A 123 19.57 -7.46 2.06
CA LEU A 123 19.43 -6.06 1.67
C LEU A 123 17.99 -5.60 1.71
N GLY A 124 17.06 -6.49 1.40
CA GLY A 124 15.64 -6.23 1.54
C GLY A 124 15.24 -5.91 2.98
N ASN A 125 15.76 -6.70 3.92
CA ASN A 125 15.44 -6.44 5.33
C ASN A 125 16.01 -5.13 5.81
N ILE A 126 17.22 -4.82 5.35
CA ILE A 126 17.87 -3.59 5.75
C ILE A 126 17.10 -2.39 5.20
N ALA A 127 16.84 -2.42 3.89
CA ALA A 127 16.04 -1.37 3.27
C ALA A 127 14.65 -1.24 3.87
N GLY A 128 14.07 -2.39 4.26
CA GLY A 128 12.75 -2.42 4.83
C GLY A 128 12.63 -1.78 6.19
N ASP A 129 13.76 -1.49 6.82
CA ASP A 129 13.70 -0.83 8.11
C ASP A 129 13.11 0.57 8.05
N GLY A 130 13.33 1.28 6.96
CA GLY A 130 12.87 2.66 6.87
C GLY A 130 13.63 3.44 5.83
N SER A 131 13.27 4.70 5.70
CA SER A 131 13.81 5.55 4.65
CA SER A 131 13.82 5.57 4.68
C SER A 131 15.33 5.75 4.75
N ALA A 132 15.86 5.93 5.95
CA ALA A 132 17.30 6.16 6.10
C ALA A 132 18.15 4.97 5.61
N PHE A 133 17.84 3.76 6.07
CA PHE A 133 18.59 2.61 5.62
C PHE A 133 18.32 2.29 4.15
N ARG A 134 17.08 2.53 3.70
CA ARG A 134 16.74 2.36 2.29
C ARG A 134 17.70 3.24 1.47
N ASP A 135 17.77 4.50 1.84
CA ASP A 135 18.61 5.46 1.14
C ASP A 135 20.10 5.12 1.28
N LEU A 136 20.48 4.57 2.42
CA LEU A 136 21.87 4.16 2.60
C LEU A 136 22.25 2.95 1.71
N VAL A 137 21.36 1.99 1.58
CA VAL A 137 21.55 0.89 0.66
C VAL A 137 21.69 1.39 -0.78
N ILE A 138 20.89 2.37 -1.14
CA ILE A 138 20.97 2.96 -2.47
C ILE A 138 22.34 3.67 -2.69
N LYS A 139 22.79 4.43 -1.69
CA LYS A 139 24.05 5.16 -1.78
C LYS A 139 25.26 4.24 -1.94
N HIS A 140 25.19 3.06 -1.32
CA HIS A 140 26.26 2.07 -1.44
C HIS A 140 26.24 1.37 -2.80
N GLY A 141 25.23 1.65 -3.62
CA GLY A 141 25.24 1.18 -5.00
C GLY A 141 24.50 -0.13 -5.25
N ALA A 142 23.45 -0.40 -4.48
CA ALA A 142 22.72 -1.67 -4.60
C ALA A 142 21.93 -1.81 -5.90
N ILE A 143 21.45 -0.70 -6.45
CA ILE A 143 20.45 -0.82 -7.50
C ILE A 143 21.03 -1.45 -8.76
N ASP A 144 22.19 -0.97 -9.24
CA ASP A 144 22.76 -1.50 -10.49
C ASP A 144 22.91 -3.05 -10.42
N PRO A 145 23.62 -3.58 -9.41
CA PRO A 145 23.75 -5.04 -9.40
C PRO A 145 22.44 -5.79 -9.17
N LEU A 146 21.51 -5.24 -8.39
CA LEU A 146 20.20 -5.88 -8.26
C LEU A 146 19.49 -5.97 -9.60
N LEU A 147 19.45 -4.88 -10.36
CA LEU A 147 18.79 -4.91 -11.63
C LEU A 147 19.49 -5.85 -12.63
N ALA A 148 20.81 -5.95 -12.53
CA ALA A 148 21.57 -6.81 -13.44
C ALA A 148 21.14 -8.27 -13.28
N LEU A 149 20.73 -8.66 -12.08
CA LEU A 149 20.29 -10.04 -11.86
C LEU A 149 19.02 -10.33 -12.65
N LEU A 150 18.27 -9.29 -13.00
CA LEU A 150 17.01 -9.44 -13.75
C LEU A 150 17.14 -9.15 -15.23
N ALA A 151 18.37 -8.92 -15.71
CA ALA A 151 18.59 -8.59 -17.12
C ALA A 151 18.78 -9.87 -17.92
N VAL A 152 17.67 -10.54 -18.20
CA VAL A 152 17.66 -11.80 -18.92
C VAL A 152 16.51 -11.66 -19.90
N PRO A 153 16.57 -12.40 -21.01
CA PRO A 153 15.52 -12.23 -22.02
C PRO A 153 14.12 -12.61 -21.54
N ASP A 154 14.04 -13.62 -20.66
CA ASP A 154 12.77 -14.13 -20.17
C ASP A 154 12.86 -14.46 -18.68
N LEU A 155 12.14 -13.69 -17.87
CA LEU A 155 12.12 -13.88 -16.41
C LEU A 155 11.79 -15.32 -16.01
N SER A 156 11.08 -16.06 -16.86
CA SER A 156 10.66 -17.42 -16.52
C SER A 156 11.81 -18.39 -16.39
N THR A 157 13.00 -18.00 -16.84
CA THR A 157 14.15 -18.88 -16.73
C THR A 157 14.78 -18.77 -15.35
N LEU A 158 14.42 -17.74 -14.59
CA LEU A 158 14.96 -17.59 -13.24
C LEU A 158 14.20 -18.52 -12.28
N ALA A 159 14.87 -18.99 -11.24
CA ALA A 159 14.17 -19.80 -10.26
C ALA A 159 13.10 -18.92 -9.62
N CYS A 160 11.94 -19.52 -9.37
CA CYS A 160 10.81 -18.76 -8.90
C CYS A 160 11.06 -18.09 -7.54
N GLY A 161 11.64 -18.82 -6.59
CA GLY A 161 11.94 -18.21 -5.28
C GLY A 161 12.91 -17.05 -5.39
N TYR A 162 13.90 -17.22 -6.26
CA TYR A 162 14.90 -16.19 -6.51
C TYR A 162 14.25 -14.90 -7.05
N LEU A 163 13.38 -15.05 -8.05
CA LEU A 163 12.71 -13.89 -8.62
C LEU A 163 11.78 -13.22 -7.63
N ARG A 164 11.08 -14.02 -6.83
CA ARG A 164 10.21 -13.46 -5.79
C ARG A 164 11.00 -12.62 -4.78
N ASN A 165 12.16 -13.12 -4.33
CA ASN A 165 13.00 -12.35 -3.41
C ASN A 165 13.53 -11.05 -4.00
N LEU A 166 13.94 -11.09 -5.26
CA LEU A 166 14.41 -9.89 -5.94
C LEU A 166 13.28 -8.86 -6.05
N THR A 167 12.08 -9.32 -6.42
CA THR A 167 10.94 -8.40 -6.54
C THR A 167 10.60 -7.76 -5.20
N TRP A 168 10.60 -8.57 -4.15
CA TRP A 168 10.32 -8.07 -2.80
C TRP A 168 11.35 -7.03 -2.36
N THR A 169 12.63 -7.32 -2.56
CA THR A 169 13.68 -6.34 -2.22
C THR A 169 13.55 -5.04 -3.00
N LEU A 170 13.34 -5.12 -4.30
CA LEU A 170 13.10 -3.92 -5.09
C LEU A 170 11.90 -3.13 -4.57
N SER A 171 10.83 -3.83 -4.19
CA SER A 171 9.67 -3.16 -3.59
C SER A 171 10.04 -2.39 -2.34
N ASN A 172 10.96 -2.91 -1.51
CA ASN A 172 11.41 -2.17 -0.33
C ASN A 172 12.25 -0.96 -0.66
N LEU A 173 12.93 -0.97 -1.80
CA LEU A 173 13.66 0.21 -2.26
C LEU A 173 12.70 1.31 -2.72
N CYS A 174 11.46 0.94 -3.04
CA CYS A 174 10.40 1.88 -3.45
C CYS A 174 9.55 2.37 -2.27
N ARG A 175 9.75 1.74 -1.13
CA ARG A 175 8.86 1.91 0.00
C ARG A 175 9.26 3.06 0.89
N ASN A 176 8.27 3.61 1.61
CA ASN A 176 8.43 4.61 2.64
C ASN A 176 8.53 6.03 2.12
N LYS A 177 8.23 6.95 3.01
CA LYS A 177 8.17 8.36 2.70
C LYS A 177 8.90 9.14 3.79
N ASN A 178 8.81 10.44 3.69
CA ASN A 178 9.51 11.32 4.61
C ASN A 178 10.97 10.89 4.86
N PRO A 179 11.78 10.85 3.79
CA PRO A 179 11.37 11.21 2.43
C PRO A 179 11.07 10.00 1.58
N ALA A 180 10.44 10.28 0.45
CA ALA A 180 10.26 9.29 -0.60
C ALA A 180 11.62 8.93 -1.20
N PRO A 181 11.69 7.82 -1.93
CA PRO A 181 13.01 7.45 -2.47
C PRO A 181 13.53 8.47 -3.47
N PRO A 182 14.85 8.52 -3.67
CA PRO A 182 15.42 9.51 -4.59
C PRO A 182 14.83 9.35 -6.01
N LEU A 183 14.54 10.48 -6.65
CA LEU A 183 13.88 10.42 -7.95
C LEU A 183 14.68 9.61 -8.97
N ASP A 184 16.01 9.75 -8.97
CA ASP A 184 16.85 9.03 -9.92
C ASP A 184 16.83 7.52 -9.67
N ALA A 185 16.76 7.10 -8.42
CA ALA A 185 16.59 5.68 -8.10
C ALA A 185 15.25 5.14 -8.61
N VAL A 186 14.19 5.90 -8.41
CA VAL A 186 12.88 5.50 -8.89
C VAL A 186 12.93 5.38 -10.44
N GLU A 187 13.52 6.35 -11.13
CA GLU A 187 13.57 6.30 -12.60
C GLU A 187 14.38 5.08 -13.05
N GLN A 188 15.40 4.73 -12.29
CA GLN A 188 16.25 3.57 -12.61
C GLN A 188 15.52 2.23 -12.46
N ILE A 189 14.68 2.13 -11.43
CA ILE A 189 13.97 0.89 -11.08
C ILE A 189 12.71 0.67 -11.90
N LEU A 190 12.03 1.77 -12.26
CA LEU A 190 10.70 1.67 -12.86
C LEU A 190 10.60 0.73 -14.09
N PRO A 191 11.55 0.81 -15.05
CA PRO A 191 11.40 -0.07 -16.23
C PRO A 191 11.42 -1.54 -15.85
N THR A 192 12.16 -1.90 -14.81
CA THR A 192 12.20 -3.29 -14.38
C THR A 192 10.91 -3.65 -13.70
N LEU A 193 10.39 -2.75 -12.88
CA LEU A 193 9.09 -2.97 -12.26
C LEU A 193 7.98 -3.18 -13.31
N VAL A 194 8.01 -2.39 -14.39
CA VAL A 194 6.99 -2.53 -15.41
C VAL A 194 7.02 -3.95 -15.99
N ARG A 195 8.23 -4.48 -16.16
CA ARG A 195 8.38 -5.81 -16.70
CA ARG A 195 8.43 -5.82 -16.70
C ARG A 195 7.90 -6.88 -15.72
N LEU A 196 8.19 -6.71 -14.44
CA LEU A 196 7.71 -7.63 -13.40
C LEU A 196 6.18 -7.62 -13.30
N LEU A 197 5.55 -6.48 -13.56
CA LEU A 197 4.08 -6.38 -13.52
C LEU A 197 3.42 -7.21 -14.62
N HIS A 198 4.22 -7.64 -15.60
CA HIS A 198 3.69 -8.50 -16.65
C HIS A 198 4.11 -9.96 -16.51
N HIS A 199 4.77 -10.29 -15.42
CA HIS A 199 5.21 -11.68 -15.17
C HIS A 199 4.01 -12.50 -14.66
N ASN A 200 4.02 -13.81 -14.80
CA ASN A 200 2.81 -14.58 -14.53
C ASN A 200 2.76 -15.21 -13.12
N ASP A 201 3.67 -14.84 -12.22
CA ASP A 201 3.69 -15.48 -10.89
C ASP A 201 2.92 -14.61 -9.91
N PRO A 202 1.97 -15.20 -9.15
CA PRO A 202 1.13 -14.33 -8.32
C PRO A 202 1.87 -13.55 -7.23
N GLU A 203 2.94 -14.11 -6.66
CA GLU A 203 3.69 -13.37 -5.66
C GLU A 203 4.55 -12.24 -6.24
N VAL A 204 5.17 -12.47 -7.40
CA VAL A 204 5.84 -11.39 -8.10
C VAL A 204 4.85 -10.26 -8.48
N LEU A 205 3.66 -10.62 -8.96
CA LEU A 205 2.66 -9.61 -9.34
C LEU A 205 2.22 -8.82 -8.12
N ALA A 206 2.00 -9.51 -7.01
CA ALA A 206 1.60 -8.84 -5.76
C ALA A 206 2.66 -7.84 -5.34
N ASP A 207 3.91 -8.27 -5.27
CA ASP A 207 4.96 -7.36 -4.79
C ASP A 207 5.27 -6.21 -5.76
N SER A 208 5.13 -6.47 -7.07
CA SER A 208 5.26 -5.42 -8.07
C SER A 208 4.16 -4.39 -7.88
N CYS A 209 2.92 -4.85 -7.68
CA CYS A 209 1.84 -3.90 -7.38
C CYS A 209 2.09 -3.15 -6.09
N TRP A 210 2.59 -3.82 -5.05
CA TRP A 210 2.97 -3.11 -3.81
C TRP A 210 3.98 -1.99 -4.12
N ALA A 211 5.02 -2.33 -4.88
CA ALA A 211 6.02 -1.34 -5.28
C ALA A 211 5.38 -0.12 -5.95
N ILE A 212 4.48 -0.38 -6.90
CA ILE A 212 3.81 0.70 -7.59
C ILE A 212 2.92 1.49 -6.64
N SER A 213 2.28 0.81 -5.70
CA SER A 213 1.46 1.52 -4.71
C SER A 213 2.29 2.44 -3.85
N TYR A 214 3.51 2.03 -3.51
CA TYR A 214 4.39 2.91 -2.74
C TYR A 214 4.76 4.16 -3.57
N LEU A 215 5.12 3.93 -4.83
CA LEU A 215 5.64 5.01 -5.66
C LEU A 215 4.58 6.06 -5.94
N THR A 216 3.33 5.63 -6.01
CA THR A 216 2.20 6.53 -6.27
C THR A 216 1.62 7.19 -5.03
N ASP A 217 2.14 6.82 -3.87
CA ASP A 217 1.68 7.38 -2.60
C ASP A 217 2.48 8.68 -2.35
N GLY A 218 2.08 9.76 -2.99
CA GLY A 218 2.90 10.97 -2.99
C GLY A 218 2.25 12.03 -3.82
N PRO A 219 2.96 13.14 -4.05
CA PRO A 219 2.41 14.26 -4.83
C PRO A 219 2.33 13.93 -6.33
N ASN A 220 1.68 14.80 -7.09
CA ASN A 220 1.35 14.48 -8.47
C ASN A 220 2.57 14.18 -9.32
N GLU A 221 3.72 14.74 -8.95
CA GLU A 221 4.95 14.49 -9.70
C GLU A 221 5.40 13.02 -9.64
N ARG A 222 5.25 12.41 -8.46
CA ARG A 222 5.56 11.02 -8.27
C ARG A 222 4.54 10.13 -9.02
N ILE A 223 3.26 10.49 -8.92
CA ILE A 223 2.22 9.75 -9.64
C ILE A 223 2.52 9.80 -11.15
N GLU A 224 2.91 10.98 -11.65
CA GLU A 224 3.12 11.18 -13.08
C GLU A 224 4.24 10.25 -13.59
N MET A 225 5.28 10.09 -12.79
CA MET A 225 6.42 9.25 -13.19
C MET A 225 5.93 7.85 -13.50
N VAL A 226 4.97 7.36 -12.71
CA VAL A 226 4.44 6.01 -12.90
C VAL A 226 3.46 5.96 -14.08
N VAL A 227 2.54 6.93 -14.11
CA VAL A 227 1.53 6.95 -15.15
C VAL A 227 2.15 7.06 -16.55
N LYS A 228 3.26 7.80 -16.66
CA LYS A 228 3.84 8.01 -17.99
C LYS A 228 4.55 6.74 -18.49
N LYS A 229 4.82 5.79 -17.61
CA LYS A 229 5.39 4.50 -18.01
C LYS A 229 4.34 3.59 -18.65
N GLY A 230 3.08 4.03 -18.67
CA GLY A 230 2.01 3.31 -19.32
C GLY A 230 1.44 2.09 -18.58
N VAL A 231 1.64 1.99 -17.27
CA VAL A 231 1.22 0.82 -16.51
C VAL A 231 -0.26 0.77 -16.04
N VAL A 232 -1.00 1.88 -16.20
CA VAL A 232 -2.37 1.94 -15.68
C VAL A 232 -3.25 0.81 -16.23
N PRO A 233 -3.22 0.57 -17.56
CA PRO A 233 -4.02 -0.55 -18.07
C PRO A 233 -3.66 -1.91 -17.44
N GLN A 234 -2.38 -2.18 -17.20
CA GLN A 234 -2.00 -3.43 -16.55
C GLN A 234 -2.46 -3.47 -15.09
N LEU A 235 -2.35 -2.35 -14.37
CA LEU A 235 -2.92 -2.28 -13.01
C LEU A 235 -4.42 -2.57 -13.02
N VAL A 236 -5.12 -2.08 -14.03
CA VAL A 236 -6.56 -2.29 -14.09
C VAL A 236 -6.88 -3.77 -14.35
N LYS A 237 -6.08 -4.40 -15.18
CA LYS A 237 -6.22 -5.83 -15.41
C LYS A 237 -6.03 -6.61 -14.08
N LEU A 238 -5.00 -6.24 -13.33
CA LEU A 238 -4.70 -6.89 -12.06
C LEU A 238 -5.76 -6.63 -10.98
N LEU A 239 -6.43 -5.49 -11.08
CA LEU A 239 -7.53 -5.14 -10.22
C LEU A 239 -8.65 -6.17 -10.34
N GLY A 240 -8.73 -6.81 -11.50
CA GLY A 240 -9.68 -7.86 -11.74
C GLY A 240 -9.19 -9.27 -11.45
N ALA A 241 -8.02 -9.44 -10.85
CA ALA A 241 -7.49 -10.77 -10.54
C ALA A 241 -8.36 -11.48 -9.51
N THR A 242 -8.30 -12.80 -9.47
CA THR A 242 -9.08 -13.54 -8.46
C THR A 242 -8.31 -13.57 -7.15
N GLU A 243 -7.00 -13.34 -7.20
CA GLU A 243 -6.18 -13.41 -5.98
C GLU A 243 -6.23 -12.11 -5.18
N LEU A 244 -6.78 -12.17 -3.97
CA LEU A 244 -6.79 -11.00 -3.08
C LEU A 244 -5.45 -10.33 -2.84
N PRO A 245 -4.36 -11.12 -2.71
CA PRO A 245 -3.06 -10.49 -2.51
C PRO A 245 -2.60 -9.65 -3.70
N ILE A 246 -3.20 -9.85 -4.86
CA ILE A 246 -2.90 -8.99 -6.01
C ILE A 246 -3.90 -7.83 -6.07
N VAL A 247 -5.18 -8.13 -5.90
CA VAL A 247 -6.18 -7.08 -5.92
C VAL A 247 -5.88 -5.97 -4.91
N THR A 248 -5.51 -6.33 -3.69
CA THR A 248 -5.30 -5.34 -2.64
C THR A 248 -4.28 -4.23 -3.05
N PRO A 249 -3.05 -4.60 -3.43
CA PRO A 249 -2.11 -3.56 -3.85
C PRO A 249 -2.46 -2.88 -5.18
N ALA A 250 -3.08 -3.59 -6.13
CA ALA A 250 -3.49 -2.96 -7.38
C ALA A 250 -4.50 -1.85 -7.12
N LEU A 251 -5.45 -2.13 -6.23
CA LEU A 251 -6.47 -1.17 -5.85
C LEU A 251 -5.85 0.00 -5.08
N ARG A 252 -4.89 -0.27 -4.20
CA ARG A 252 -4.23 0.84 -3.50
C ARG A 252 -3.52 1.75 -4.50
N ALA A 253 -2.86 1.15 -5.48
CA ALA A 253 -2.15 1.91 -6.50
C ALA A 253 -3.11 2.78 -7.30
N ILE A 254 -4.20 2.16 -7.76
CA ILE A 254 -5.22 2.89 -8.50
C ILE A 254 -5.82 4.02 -7.66
N GLY A 255 -6.12 3.75 -6.39
CA GLY A 255 -6.66 4.75 -5.48
C GLY A 255 -5.67 5.91 -5.33
N ASN A 256 -4.38 5.58 -5.20
CA ASN A 256 -3.37 6.64 -5.09
C ASN A 256 -3.32 7.51 -6.35
N ILE A 257 -3.37 6.88 -7.52
CA ILE A 257 -3.35 7.62 -8.77
C ILE A 257 -4.50 8.60 -8.87
N VAL A 258 -5.71 8.20 -8.48
CA VAL A 258 -6.83 9.12 -8.61
C VAL A 258 -6.86 10.21 -7.53
N THR A 259 -5.84 10.25 -6.65
CA THR A 259 -5.68 11.42 -5.76
C THR A 259 -4.92 12.54 -6.47
N GLY A 260 -4.44 12.28 -7.68
CA GLY A 260 -3.67 13.25 -8.44
C GLY A 260 -4.54 14.16 -9.28
N THR A 261 -4.05 14.57 -10.44
CA THR A 261 -4.78 15.53 -11.28
C THR A 261 -5.97 14.91 -11.96
N ASP A 262 -6.83 15.75 -12.51
CA ASP A 262 -7.98 15.25 -13.26
C ASP A 262 -7.54 14.43 -14.48
N GLU A 263 -6.44 14.85 -15.10
CA GLU A 263 -5.86 14.13 -16.23
C GLU A 263 -5.31 12.73 -15.83
N GLN A 264 -4.63 12.64 -14.68
CA GLN A 264 -4.17 11.34 -14.18
C GLN A 264 -5.37 10.45 -13.87
N THR A 265 -6.40 11.04 -13.27
CA THR A 265 -7.59 10.31 -12.94
C THR A 265 -8.26 9.79 -14.21
N GLN A 266 -8.24 10.60 -15.26
CA GLN A 266 -8.85 10.20 -16.54
C GLN A 266 -8.16 8.96 -17.13
N LYS A 267 -6.86 8.80 -16.94
CA LYS A 267 -6.17 7.60 -17.45
C LYS A 267 -6.71 6.31 -16.80
N VAL A 268 -7.05 6.40 -15.52
CA VAL A 268 -7.65 5.28 -14.82
C VAL A 268 -9.04 4.95 -15.40
N ILE A 269 -9.83 5.99 -15.63
CA ILE A 269 -11.13 5.80 -16.27
C ILE A 269 -10.99 5.24 -17.69
N ASP A 270 -10.13 5.86 -18.50
CA ASP A 270 -9.92 5.45 -19.89
C ASP A 270 -9.50 3.97 -19.99
N ALA A 271 -8.77 3.49 -18.97
CA ALA A 271 -8.28 2.12 -18.96
C ALA A 271 -9.35 1.07 -18.58
N GLY A 272 -10.55 1.54 -18.26
CA GLY A 272 -11.67 0.66 -17.98
C GLY A 272 -11.86 0.30 -16.52
N ALA A 273 -11.23 1.05 -15.60
CA ALA A 273 -11.27 0.68 -14.18
C ALA A 273 -12.68 0.61 -13.62
N LEU A 274 -13.57 1.50 -14.07
CA LEU A 274 -14.88 1.59 -13.45
C LEU A 274 -15.70 0.31 -13.63
N ALA A 275 -15.40 -0.46 -14.67
CA ALA A 275 -16.14 -1.68 -14.94
C ALA A 275 -15.90 -2.76 -13.85
N VAL A 276 -14.83 -2.61 -13.07
CA VAL A 276 -14.50 -3.56 -12.00
C VAL A 276 -15.21 -3.20 -10.68
N PHE A 277 -15.72 -2.00 -10.57
CA PHE A 277 -16.24 -1.53 -9.30
C PHE A 277 -17.54 -2.17 -8.78
N PRO A 278 -18.41 -2.68 -9.66
CA PRO A 278 -19.55 -3.42 -9.10
C PRO A 278 -19.10 -4.55 -8.19
N SER A 279 -18.07 -5.26 -8.61
CA SER A 279 -17.50 -6.30 -7.79
C SER A 279 -16.72 -5.78 -6.56
N LEU A 280 -15.92 -4.73 -6.73
CA LEU A 280 -15.10 -4.22 -5.63
C LEU A 280 -15.99 -3.62 -4.53
N LEU A 281 -17.04 -2.94 -4.95
CA LEU A 281 -17.92 -2.28 -4.00
C LEU A 281 -18.85 -3.26 -3.26
N THR A 282 -18.85 -4.52 -3.67
CA THR A 282 -19.59 -5.58 -3.00
C THR A 282 -18.65 -6.70 -2.53
N ASN A 283 -17.35 -6.41 -2.51
CA ASN A 283 -16.38 -7.45 -2.19
C ASN A 283 -16.57 -7.90 -0.74
N PRO A 284 -16.51 -9.20 -0.50
CA PRO A 284 -16.69 -9.65 0.89
C PRO A 284 -15.53 -9.27 1.82
N LYS A 285 -14.38 -8.89 1.28
CA LYS A 285 -13.30 -8.37 2.11
C LYS A 285 -13.55 -6.89 2.44
N THR A 286 -13.80 -6.59 3.71
CA THR A 286 -14.11 -5.23 4.19
C THR A 286 -13.11 -4.18 3.69
N ASN A 287 -11.84 -4.51 3.77
CA ASN A 287 -10.80 -3.55 3.37
C ASN A 287 -10.83 -3.22 1.87
N ILE A 288 -11.22 -4.18 1.05
CA ILE A 288 -11.38 -3.92 -0.39
C ILE A 288 -12.56 -2.98 -0.66
N GLN A 289 -13.70 -3.24 -0.01
CA GLN A 289 -14.85 -2.34 -0.14
C GLN A 289 -14.50 -0.95 0.32
N LYS A 290 -13.81 -0.84 1.45
CA LYS A 290 -13.41 0.46 1.96
C LYS A 290 -12.51 1.23 0.98
N GLU A 291 -11.46 0.58 0.50
CA GLU A 291 -10.52 1.21 -0.42
C GLU A 291 -11.16 1.52 -1.76
N ALA A 292 -12.05 0.64 -2.20
CA ALA A 292 -12.80 0.88 -3.44
C ALA A 292 -13.72 2.10 -3.31
N THR A 293 -14.33 2.27 -2.15
CA THR A 293 -15.24 3.40 -1.94
C THR A 293 -14.43 4.70 -1.82
N TRP A 294 -13.29 4.63 -1.16
CA TRP A 294 -12.38 5.76 -1.08
C TRP A 294 -11.96 6.20 -2.49
N THR A 295 -11.56 5.24 -3.31
CA THR A 295 -11.25 5.50 -4.71
C THR A 295 -12.42 6.17 -5.45
N MET A 296 -13.64 5.65 -5.28
CA MET A 296 -14.81 6.25 -5.90
C MET A 296 -14.98 7.69 -5.43
N SER A 297 -14.70 7.96 -4.15
CA SER A 297 -14.90 9.30 -3.62
C SER A 297 -13.95 10.28 -4.30
N ASN A 298 -12.77 9.81 -4.71
CA ASN A 298 -11.82 10.69 -5.35
C ASN A 298 -12.11 10.88 -6.83
N ILE A 299 -12.77 9.89 -7.41
CA ILE A 299 -13.30 10.03 -8.77
C ILE A 299 -14.52 10.99 -8.81
N THR A 300 -15.45 10.86 -7.86
CA THR A 300 -16.59 11.80 -7.83
C THR A 300 -16.16 13.22 -7.46
N ALA A 301 -14.93 13.38 -6.97
CA ALA A 301 -14.37 14.70 -6.72
C ALA A 301 -13.85 15.34 -8.01
N GLY A 302 -13.95 14.63 -9.12
CA GLY A 302 -13.43 15.13 -10.39
C GLY A 302 -14.42 15.97 -11.21
N ARG A 303 -14.20 15.99 -12.52
CA ARG A 303 -14.95 16.85 -13.43
C ARG A 303 -16.32 16.26 -13.67
N GLN A 304 -17.22 17.06 -14.23
CA GLN A 304 -18.57 16.59 -14.51
C GLN A 304 -18.58 15.44 -15.50
N ASP A 305 -17.69 15.45 -16.48
CA ASP A 305 -17.58 14.32 -17.43
C ASP A 305 -17.10 13.03 -16.77
N GLN A 306 -16.35 13.14 -15.67
CA GLN A 306 -15.93 11.95 -14.95
C GLN A 306 -17.03 11.43 -14.02
N ILE A 307 -17.72 12.33 -13.34
CA ILE A 307 -18.93 11.96 -12.61
C ILE A 307 -19.89 11.26 -13.57
N GLN A 308 -19.97 11.77 -14.81
CA GLN A 308 -20.89 11.14 -15.77
C GLN A 308 -20.50 9.69 -16.07
N GLN A 309 -19.19 9.40 -16.06
CA GLN A 309 -18.74 8.02 -16.27
C GLN A 309 -19.13 7.10 -15.13
N VAL A 310 -19.09 7.62 -13.92
CA VAL A 310 -19.55 6.88 -12.75
C VAL A 310 -21.04 6.54 -12.97
N VAL A 311 -21.81 7.53 -13.39
CA VAL A 311 -23.23 7.31 -13.71
C VAL A 311 -23.41 6.24 -14.80
N ASN A 312 -22.70 6.39 -15.92
CA ASN A 312 -22.89 5.49 -17.07
C ASN A 312 -22.56 4.05 -16.73
N HIS A 313 -21.54 3.84 -15.91
CA HIS A 313 -21.14 2.51 -15.47
C HIS A 313 -22.06 1.91 -14.43
N GLY A 314 -23.10 2.64 -14.07
CA GLY A 314 -24.11 2.09 -13.17
C GLY A 314 -23.67 2.04 -11.74
N LEU A 315 -22.78 2.97 -11.34
CA LEU A 315 -22.14 2.86 -10.03
C LEU A 315 -22.87 3.63 -8.95
N VAL A 316 -23.81 4.49 -9.33
CA VAL A 316 -24.54 5.23 -8.29
C VAL A 316 -25.35 4.26 -7.40
N PRO A 317 -26.09 3.31 -8.00
CA PRO A 317 -26.77 2.32 -7.15
C PRO A 317 -25.83 1.56 -6.18
N PHE A 318 -24.61 1.30 -6.63
CA PHE A 318 -23.63 0.67 -5.75
C PHE A 318 -23.19 1.56 -4.59
N LEU A 319 -23.07 2.87 -4.84
CA LEU A 319 -22.79 3.80 -3.77
C LEU A 319 -23.97 3.88 -2.80
N VAL A 320 -25.19 3.86 -3.33
CA VAL A 320 -26.35 3.83 -2.45
C VAL A 320 -26.31 2.55 -1.58
N GLY A 321 -25.91 1.44 -2.20
CA GLY A 321 -25.77 0.18 -1.49
C GLY A 321 -24.80 0.25 -0.33
N VAL A 322 -23.60 0.76 -0.58
CA VAL A 322 -22.60 0.84 0.46
C VAL A 322 -23.02 1.80 1.57
N LEU A 323 -23.67 2.88 1.21
CA LEU A 323 -24.15 3.81 2.20
C LEU A 323 -25.22 3.17 3.08
N SER A 324 -26.02 2.28 2.50
CA SER A 324 -27.11 1.63 3.22
C SER A 324 -26.60 0.58 4.20
N LYS A 325 -25.59 -0.18 3.79
CA LYS A 325 -25.12 -1.29 4.57
C LYS A 325 -23.68 -1.57 4.20
N ALA A 326 -22.79 -1.36 5.16
CA ALA A 326 -21.39 -1.68 5.01
C ALA A 326 -20.76 -1.43 6.37
N ASP A 327 -19.52 -1.84 6.53
CA ASP A 327 -18.76 -1.47 7.72
C ASP A 327 -18.77 0.06 7.84
N PHE A 328 -18.74 0.59 9.05
CA PHE A 328 -18.88 2.05 9.24
C PHE A 328 -17.81 2.87 8.51
N LYS A 329 -16.58 2.38 8.49
CA LYS A 329 -15.49 3.09 7.81
C LYS A 329 -15.74 3.18 6.30
N THR A 330 -16.35 2.15 5.74
CA THR A 330 -16.74 2.18 4.34
C THR A 330 -17.92 3.15 4.12
N GLN A 331 -18.90 3.11 5.01
CA GLN A 331 -19.99 4.05 4.96
C GLN A 331 -19.51 5.49 4.99
N LYS A 332 -18.46 5.74 5.77
CA LYS A 332 -17.89 7.09 5.83
C LYS A 332 -17.26 7.51 4.49
N GLU A 333 -16.55 6.60 3.83
CA GLU A 333 -16.01 6.89 2.51
C GLU A 333 -17.14 7.12 1.50
N ALA A 334 -18.23 6.38 1.64
CA ALA A 334 -19.37 6.55 0.75
C ALA A 334 -19.99 7.91 0.96
N ALA A 335 -20.07 8.36 2.22
CA ALA A 335 -20.58 9.69 2.49
C ALA A 335 -19.71 10.75 1.79
N TRP A 336 -18.40 10.60 1.88
CA TRP A 336 -17.50 11.50 1.17
C TRP A 336 -17.76 11.46 -0.36
N ALA A 337 -17.97 10.28 -0.90
CA ALA A 337 -18.20 10.13 -2.34
C ALA A 337 -19.44 10.93 -2.73
N ILE A 338 -20.46 10.88 -1.88
CA ILE A 338 -21.70 11.61 -2.14
C ILE A 338 -21.52 13.12 -2.02
N THR A 339 -20.81 13.58 -0.99
CA THR A 339 -20.62 15.02 -0.86
C THR A 339 -19.81 15.56 -2.02
N ASN A 340 -18.83 14.80 -2.50
CA ASN A 340 -18.00 15.26 -3.61
C ASN A 340 -18.83 15.30 -4.90
N TYR A 341 -19.61 14.25 -5.13
CA TYR A 341 -20.52 14.19 -6.27
C TYR A 341 -21.46 15.40 -6.29
N THR A 342 -22.10 15.68 -5.15
CA THR A 342 -23.10 16.72 -5.10
C THR A 342 -22.46 18.09 -5.18
N SER A 343 -21.21 18.18 -4.77
CA SER A 343 -20.47 19.42 -4.85
C SER A 343 -20.07 19.76 -6.30
N GLY A 344 -19.67 18.75 -7.07
CA GLY A 344 -19.17 19.01 -8.41
C GLY A 344 -20.15 18.67 -9.53
N GLY A 345 -21.21 17.94 -9.22
CA GLY A 345 -22.12 17.45 -10.25
C GLY A 345 -23.07 18.50 -10.82
N THR A 346 -23.61 18.20 -12.00
CA THR A 346 -24.67 19.04 -12.56
C THR A 346 -25.97 18.82 -11.82
N VAL A 347 -26.93 19.71 -12.04
CA VAL A 347 -28.28 19.55 -11.50
C VAL A 347 -28.85 18.17 -11.88
N GLU A 348 -28.72 17.81 -13.15
CA GLU A 348 -29.27 16.54 -13.64
C GLU A 348 -28.61 15.33 -12.98
N GLN A 349 -27.30 15.41 -12.77
CA GLN A 349 -26.61 14.34 -12.09
C GLN A 349 -27.09 14.23 -10.64
N ILE A 350 -27.35 15.36 -10.00
CA ILE A 350 -27.81 15.36 -8.61
C ILE A 350 -29.25 14.82 -8.50
N VAL A 351 -30.11 15.22 -9.43
CA VAL A 351 -31.46 14.66 -9.50
C VAL A 351 -31.41 13.13 -9.61
N TYR A 352 -30.54 12.64 -10.49
CA TYR A 352 -30.37 11.20 -10.68
C TYR A 352 -29.99 10.50 -9.39
N LEU A 353 -29.10 11.13 -8.64
CA LEU A 353 -28.67 10.59 -7.36
C LEU A 353 -29.84 10.40 -6.42
N VAL A 354 -30.72 11.41 -6.35
CA VAL A 354 -31.90 11.30 -5.51
C VAL A 354 -32.83 10.20 -6.02
N HIS A 355 -32.97 10.10 -7.34
CA HIS A 355 -33.83 9.07 -7.93
C HIS A 355 -33.28 7.66 -7.67
N CYS A 356 -31.98 7.54 -7.47
CA CYS A 356 -31.40 6.23 -7.11
C CYS A 356 -31.61 5.86 -5.65
N GLY A 357 -32.20 6.75 -4.87
CA GLY A 357 -32.54 6.46 -3.50
C GLY A 357 -31.52 6.89 -2.45
N ILE A 358 -30.79 7.97 -2.71
CA ILE A 358 -29.70 8.33 -1.81
C ILE A 358 -30.20 8.89 -0.48
N ILE A 359 -31.39 9.47 -0.48
CA ILE A 359 -31.81 10.26 0.68
C ILE A 359 -31.98 9.44 1.96
N GLU A 360 -32.70 8.33 1.89
CA GLU A 360 -32.98 7.57 3.10
C GLU A 360 -31.71 7.08 3.81
N PRO A 361 -30.80 6.42 3.09
CA PRO A 361 -29.59 5.96 3.78
C PRO A 361 -28.68 7.10 4.23
N LEU A 362 -28.69 8.21 3.51
CA LEU A 362 -27.97 9.41 3.96
C LEU A 362 -28.52 9.87 5.31
N MET A 363 -29.85 9.97 5.41
CA MET A 363 -30.50 10.37 6.65
C MET A 363 -30.27 9.41 7.80
N ASN A 364 -30.28 8.10 7.51
CA ASN A 364 -30.06 7.09 8.55
C ASN A 364 -28.70 7.23 9.23
N LEU A 365 -27.70 7.66 8.47
CA LEU A 365 -26.35 7.84 9.00
C LEU A 365 -26.19 9.06 9.91
N LEU A 366 -27.21 9.91 9.98
CA LEU A 366 -27.10 11.09 10.85
C LEU A 366 -27.22 10.71 12.32
N SER A 367 -27.50 9.42 12.58
CA SER A 367 -27.51 8.88 13.93
C SER A 367 -26.10 8.49 14.36
N ALA A 368 -25.14 8.62 13.44
CA ALA A 368 -23.78 8.20 13.72
C ALA A 368 -23.16 9.01 14.84
N LYS A 369 -22.38 8.31 15.66
CA LYS A 369 -21.63 8.88 16.77
C LYS A 369 -20.25 9.34 16.27
N ASP A 370 -20.25 10.10 15.18
CA ASP A 370 -19.02 10.52 14.53
C ASP A 370 -19.24 11.89 13.93
N THR A 371 -18.68 12.94 14.54
CA THR A 371 -19.05 14.29 14.13
C THR A 371 -18.59 14.59 12.69
N LYS A 372 -17.53 13.93 12.23
CA LYS A 372 -17.06 14.20 10.88
C LYS A 372 -18.04 13.74 9.80
N ILE A 373 -18.61 12.55 9.95
CA ILE A 373 -19.49 12.06 8.90
C ILE A 373 -20.77 12.90 8.94
N ILE A 374 -21.10 13.46 10.10
CA ILE A 374 -22.28 14.29 10.21
C ILE A 374 -22.09 15.57 9.40
N GLN A 375 -20.92 16.20 9.54
CA GLN A 375 -20.59 17.41 8.79
C GLN A 375 -20.68 17.14 7.30
N VAL A 376 -20.13 16.00 6.89
CA VAL A 376 -20.08 15.59 5.48
C VAL A 376 -21.48 15.38 4.92
N ILE A 377 -22.32 14.67 5.65
CA ILE A 377 -23.69 14.42 5.21
C ILE A 377 -24.49 15.74 5.14
N LEU A 378 -24.37 16.58 6.16
CA LEU A 378 -25.08 17.86 6.17
C LEU A 378 -24.67 18.72 4.97
N ASP A 379 -23.38 18.71 4.65
CA ASP A 379 -22.88 19.35 3.43
C ASP A 379 -23.57 18.81 2.17
N ALA A 380 -23.67 17.48 2.06
CA ALA A 380 -24.30 16.86 0.90
C ALA A 380 -25.77 17.28 0.78
N ILE A 381 -26.48 17.31 1.90
CA ILE A 381 -27.89 17.68 1.92
C ILE A 381 -28.07 19.12 1.46
N SER A 382 -27.21 20.00 1.95
CA SER A 382 -27.23 21.39 1.52
C SER A 382 -27.00 21.50 0.01
N ASN A 383 -26.04 20.74 -0.51
CA ASN A 383 -25.80 20.71 -1.95
C ASN A 383 -27.00 20.23 -2.75
N ILE A 384 -27.67 19.19 -2.25
CA ILE A 384 -28.82 18.64 -2.95
C ILE A 384 -29.95 19.70 -2.94
N PHE A 385 -30.12 20.38 -1.81
CA PHE A 385 -31.15 21.43 -1.73
C PHE A 385 -30.86 22.55 -2.71
N GLN A 386 -29.58 22.86 -2.90
CA GLN A 386 -29.21 23.92 -3.83
C GLN A 386 -29.60 23.54 -5.26
N ALA A 387 -29.46 22.26 -5.61
CA ALA A 387 -29.90 21.82 -6.93
C ALA A 387 -31.41 21.89 -7.00
N ALA A 388 -32.06 21.51 -5.90
CA ALA A 388 -33.53 21.53 -5.84
C ALA A 388 -34.07 22.95 -6.04
N GLU A 389 -33.30 23.95 -5.62
CA GLU A 389 -33.71 25.34 -5.76
C GLU A 389 -33.75 25.75 -7.23
N LYS A 390 -32.70 25.42 -7.98
CA LYS A 390 -32.62 25.73 -9.41
C LYS A 390 -33.80 25.14 -10.16
N LEU A 391 -34.39 24.08 -9.61
CA LEU A 391 -35.57 23.44 -10.20
C LEU A 391 -36.87 23.89 -9.55
N GLY A 392 -36.79 24.73 -8.53
CA GLY A 392 -37.98 25.14 -7.78
C GLY A 392 -38.69 23.92 -7.19
N GLU A 393 -37.91 22.96 -6.69
CA GLU A 393 -38.48 21.75 -6.13
C GLU A 393 -37.98 21.50 -4.71
N THR A 394 -37.66 22.56 -3.99
CA THR A 394 -37.20 22.39 -2.61
C THR A 394 -38.27 21.71 -1.75
N GLU A 395 -39.54 21.91 -2.11
CA GLU A 395 -40.64 21.35 -1.32
C GLU A 395 -40.70 19.81 -1.41
N LYS A 396 -40.60 19.25 -2.62
CA LYS A 396 -40.62 17.79 -2.78
C LYS A 396 -39.50 17.14 -1.95
N LEU A 397 -38.35 17.80 -1.91
CA LEU A 397 -37.17 17.23 -1.24
C LEU A 397 -37.39 17.29 0.27
N SER A 398 -37.91 18.41 0.76
CA SER A 398 -38.23 18.57 2.17
C SER A 398 -39.16 17.47 2.66
N ILE A 399 -40.18 17.16 1.87
CA ILE A 399 -41.15 16.13 2.23
C ILE A 399 -40.49 14.75 2.26
N MET A 400 -39.65 14.49 1.27
CA MET A 400 -38.87 13.25 1.22
C MET A 400 -38.05 13.03 2.50
N ILE A 401 -37.40 14.09 2.96
CA ILE A 401 -36.52 14.02 4.13
C ILE A 401 -37.35 13.84 5.39
N GLU A 402 -38.50 14.51 5.44
CA GLU A 402 -39.39 14.37 6.58
C GLU A 402 -39.98 12.96 6.62
N GLU A 403 -40.34 12.44 5.45
CA GLU A 403 -41.03 11.16 5.34
C GLU A 403 -40.21 9.97 5.87
N CYS A 404 -38.89 10.01 5.65
CA CYS A 404 -38.03 8.90 6.04
C CYS A 404 -37.42 9.11 7.43
N GLY A 405 -37.90 10.12 8.16
CA GLY A 405 -37.43 10.37 9.51
C GLY A 405 -36.22 11.27 9.57
N GLY A 406 -35.88 11.88 8.44
CA GLY A 406 -34.71 12.74 8.35
C GLY A 406 -34.83 14.05 9.10
N LEU A 407 -36.01 14.67 9.06
CA LEU A 407 -36.19 15.96 9.74
C LEU A 407 -36.00 15.82 11.24
N ASP A 408 -36.49 14.71 11.80
CA ASP A 408 -36.29 14.41 13.22
C ASP A 408 -34.82 14.44 13.59
N LYS A 409 -33.98 13.93 12.69
CA LYS A 409 -32.54 13.86 12.95
C LYS A 409 -31.84 15.22 12.78
N ILE A 410 -32.26 15.98 11.78
CA ILE A 410 -31.66 17.29 11.55
C ILE A 410 -31.99 18.28 12.67
N GLU A 411 -33.18 18.18 13.26
CA GLU A 411 -33.55 19.13 14.31
C GLU A 411 -32.81 18.81 15.60
N ALA A 412 -32.68 17.52 15.90
CA ALA A 412 -31.90 17.06 17.05
C ALA A 412 -30.46 17.58 17.00
N LEU A 413 -29.89 17.63 15.80
CA LEU A 413 -28.51 18.06 15.63
C LEU A 413 -28.30 19.55 15.95
N GLN A 414 -29.39 20.27 16.18
CA GLN A 414 -29.27 21.65 16.65
C GLN A 414 -28.73 21.67 18.07
N ARG A 415 -28.97 20.59 18.80
CA ARG A 415 -28.53 20.44 20.19
C ARG A 415 -27.20 19.68 20.25
N HIS A 416 -26.44 19.74 19.17
CA HIS A 416 -25.18 19.01 19.07
C HIS A 416 -24.02 19.83 19.63
N GLU A 417 -23.14 19.16 20.37
CA GLU A 417 -21.95 19.76 20.97
C GLU A 417 -21.10 20.55 19.97
N ASN A 418 -20.62 19.88 18.95
CA ASN A 418 -19.75 20.50 17.94
C ASN A 418 -20.42 21.68 17.24
N GLU A 419 -19.70 22.80 17.16
CA GLU A 419 -20.25 24.04 16.65
C GLU A 419 -20.69 23.96 15.18
N SER A 420 -19.94 23.22 14.37
CA SER A 420 -20.19 23.17 12.93
C SER A 420 -21.48 22.44 12.58
N VAL A 421 -21.79 21.41 13.35
CA VAL A 421 -22.99 20.63 13.12
C VAL A 421 -24.23 21.47 13.39
N TYR A 422 -24.31 22.08 14.56
CA TYR A 422 -25.55 22.75 14.92
C TYR A 422 -25.82 23.97 14.04
N LYS A 423 -24.77 24.66 13.59
CA LYS A 423 -24.96 25.77 12.65
C LYS A 423 -25.48 25.29 11.29
N ALA A 424 -24.86 24.25 10.73
CA ALA A 424 -25.21 23.73 9.41
C ALA A 424 -26.67 23.26 9.36
N SER A 425 -27.16 22.79 10.50
CA SER A 425 -28.48 22.19 10.58
C SER A 425 -29.56 23.20 10.97
N LEU A 426 -29.18 24.22 11.72
CA LEU A 426 -30.11 25.33 11.98
C LEU A 426 -30.45 25.97 10.64
N ASN A 427 -29.41 26.14 9.82
CA ASN A 427 -29.57 26.69 8.48
C ASN A 427 -30.56 25.89 7.63
N LEU A 428 -30.44 24.56 7.65
CA LEU A 428 -31.35 23.73 6.88
C LEU A 428 -32.79 23.88 7.37
N ILE A 429 -32.99 23.79 8.68
CA ILE A 429 -34.31 23.93 9.27
C ILE A 429 -34.91 25.30 8.92
N GLU A 430 -34.15 26.36 9.16
CA GLU A 430 -34.64 27.71 8.95
C GLU A 430 -35.00 28.00 7.50
N LYS A 431 -34.35 27.33 6.55
CA LYS A 431 -34.55 27.67 5.15
C LYS A 431 -35.53 26.76 4.40
N TYR A 432 -35.60 25.49 4.79
CA TYR A 432 -36.34 24.50 4.02
C TYR A 432 -37.44 23.80 4.80
N PHE A 433 -37.39 23.90 6.13
CA PHE A 433 -38.41 23.29 6.97
C PHE A 433 -39.10 24.36 7.82
N GLU B 39 -8.28 19.15 -5.18
CA GLU B 39 -8.74 20.13 -4.20
C GLU B 39 -9.71 19.48 -3.22
N SER B 40 -10.67 18.73 -3.77
CA SER B 40 -11.59 17.91 -2.98
C SER B 40 -11.05 16.47 -2.82
N LYS B 41 -9.86 16.22 -3.35
CA LYS B 41 -9.23 14.90 -3.27
C LYS B 41 -8.67 14.67 -1.88
N ARG B 42 -8.76 13.42 -1.40
CA ARG B 42 -8.30 13.05 -0.07
C ARG B 42 -7.30 11.89 -0.20
N VAL B 43 -6.07 12.10 0.27
CA VAL B 43 -5.06 11.06 0.20
C VAL B 43 -5.42 9.99 1.20
N ASN B 44 -4.73 8.85 1.12
CA ASN B 44 -4.93 7.79 2.12
C ASN B 44 -4.46 8.28 3.49
N ASP B 52 -3.04 -7.08 5.53
CA ASP B 52 -2.97 -7.49 4.12
C ASP B 52 -1.72 -6.95 3.41
N SER B 53 -0.82 -6.34 4.18
CA SER B 53 0.35 -5.66 3.60
C SER B 53 1.49 -6.62 3.24
N SER B 54 2.43 -6.11 2.47
CA SER B 54 3.65 -6.83 2.22
C SER B 54 4.57 -6.58 3.44
N PRO B 55 5.13 -7.64 4.03
CA PRO B 55 5.98 -7.36 5.20
C PRO B 55 7.24 -6.58 4.87
N ALA B 56 7.67 -5.72 5.79
CA ALA B 56 8.85 -4.90 5.57
C ALA B 56 10.14 -5.71 5.79
N LYS B 57 10.05 -6.74 6.62
CA LYS B 57 11.17 -7.63 6.92
C LYS B 57 10.68 -9.07 6.98
N LYS B 58 11.57 -10.00 6.61
CA LYS B 58 11.25 -11.43 6.59
CA LYS B 58 11.26 -11.43 6.57
C LYS B 58 12.42 -12.23 7.13
N THR B 59 12.10 -13.15 8.05
CA THR B 59 13.08 -14.08 8.59
C THR B 59 13.10 -15.32 7.71
N ARG B 60 14.28 -15.86 7.39
CA ARG B 60 14.34 -17.12 6.65
C ARG B 60 14.35 -18.29 7.66
N ARG B 61 13.33 -19.12 7.58
CA ARG B 61 13.13 -20.24 8.50
C ARG B 61 13.41 -21.58 7.83
#